data_4S14
#
_entry.id   4S14
#
_cell.length_a   158.179
_cell.length_b   158.179
_cell.length_c   129.801
_cell.angle_alpha   90.00
_cell.angle_beta   90.00
_cell.angle_gamma   120.00
#
_symmetry.space_group_name_H-M   'P 63 2 2'
#
loop_
_entity.id
_entity.type
_entity.pdbx_description
1 polymer 'Nuclear receptor ROR-gamma'
2 polymer 'Nuclear receptor-interacting protein 1'
3 non-polymer '(3beta,4alpha,5beta,14beta)-3-hydroxy-4-methylcholesta-8,24-diene-4-carboxylic acid'
#
loop_
_entity_poly.entity_id
_entity_poly.type
_entity_poly.pdbx_seq_one_letter_code
_entity_poly.pdbx_strand_id
1 'polypeptide(L)'
;GSAPYASLTEIEHLVQSVCKSYRETCQLRLEDLLRQRSNIFSREEVTGYQRKSMWEMWERCAHHLTEAIQYVVEFAKRLS
GFMELCQNDQIVLLKAGAMEVVLVRMCRAYNADNRTVFFEGKYGGMELFRALGCSELISSIFDFSHSLSALHFSEDEIAL
YTALVLINAHRPGLQEKRKVEQLQYNLELAFHHHLCKTHRQSILAKLPPKGKLRSLCSQHVERLQIFQHLHPIVVQAAFP
PLYKELFSTETESPVGLSK
;
A
2 'polypeptide(L)' TLLQLLLGHKNE C
#
loop_
_chem_comp.id
_chem_comp.type
_chem_comp.name
_chem_comp.formula
4D8 non-polymer '(3beta,4alpha,5beta,14beta)-3-hydroxy-4-methylcholesta-8,24-diene-4-carboxylic acid' 'C29 H46 O3'
#
# COMPACT_ATOMS: atom_id res chain seq x y z
N PRO A 4 19.37 7.85 27.38
CA PRO A 4 17.93 7.88 27.15
C PRO A 4 17.20 8.88 28.04
N TYR A 5 16.21 9.56 27.47
CA TYR A 5 15.40 10.51 28.20
C TYR A 5 13.93 10.20 27.89
N ALA A 6 13.70 9.71 26.68
CA ALA A 6 12.38 9.24 26.28
C ALA A 6 12.09 7.94 27.01
N SER A 7 10.82 7.68 27.29
CA SER A 7 10.43 6.47 27.98
C SER A 7 10.55 5.25 27.07
N LEU A 8 11.53 4.40 27.37
CA LEU A 8 11.74 3.16 26.61
C LEU A 8 10.49 2.30 26.62
N THR A 9 9.84 2.21 27.76
CA THR A 9 8.63 1.42 27.90
C THR A 9 7.54 1.93 26.97
N GLU A 10 7.49 3.25 26.79
CA GLU A 10 6.50 3.86 25.91
C GLU A 10 6.81 3.61 24.43
N ILE A 11 8.08 3.58 24.08
CA ILE A 11 8.46 3.43 22.67
C ILE A 11 8.41 1.96 22.22
N GLU A 12 8.74 1.03 23.11
CA GLU A 12 8.66 -0.39 22.76
C GLU A 12 7.23 -0.89 22.97
N HIS A 13 6.37 -0.02 23.47
CA HIS A 13 4.94 -0.27 23.50
C HIS A 13 4.39 0.06 22.12
N LEU A 14 4.80 1.20 21.59
CA LEU A 14 4.36 1.63 20.26
C LEU A 14 4.76 0.62 19.19
N VAL A 15 5.99 0.12 19.29
CA VAL A 15 6.49 -0.89 18.36
C VAL A 15 5.57 -2.11 18.34
N GLN A 16 5.11 -2.51 19.52
CA GLN A 16 4.21 -3.64 19.64
C GLN A 16 2.81 -3.30 19.11
N SER A 17 2.35 -2.08 19.41
CA SER A 17 1.04 -1.63 18.98
C SER A 17 0.92 -1.59 17.46
N VAL A 18 1.95 -1.04 16.81
CA VAL A 18 1.96 -0.93 15.36
C VAL A 18 2.01 -2.32 14.72
N CYS A 19 2.93 -3.15 15.20
CA CYS A 19 3.09 -4.50 14.66
C CYS A 19 1.82 -5.33 14.81
N LYS A 20 1.06 -5.08 15.88
CA LYS A 20 -0.18 -5.80 16.11
C LYS A 20 -1.28 -5.32 15.16
N SER A 21 -1.40 -4.00 15.04
CA SER A 21 -2.41 -3.40 14.18
C SER A 21 -2.24 -3.82 12.72
N TYR A 22 -0.99 -4.06 12.33
CA TYR A 22 -0.71 -4.57 11.00
C TYR A 22 -1.02 -6.05 10.93
N ARG A 23 -0.61 -6.78 11.96
CA ARG A 23 -0.79 -8.22 12.05
C ARG A 23 -2.26 -8.60 11.90
N GLU A 24 -3.13 -7.74 12.40
CA GLU A 24 -4.58 -7.98 12.35
C GLU A 24 -5.16 -7.59 11.00
N THR A 25 -4.52 -6.61 10.35
CA THR A 25 -5.00 -6.12 9.05
C THR A 25 -3.99 -6.44 7.95
N CYS A 26 -3.36 -7.61 8.03
CA CYS A 26 -2.35 -8.00 7.06
C CYS A 26 -2.95 -8.60 5.81
N GLN A 27 -4.27 -8.59 5.72
CA GLN A 27 -5.00 -9.20 4.61
C GLN A 27 -4.65 -10.68 4.46
N LEU A 28 -3.62 -10.96 3.66
CA LEU A 28 -3.14 -12.32 3.53
C LEU A 28 -2.05 -12.62 4.57
N ARG A 29 -2.16 -13.77 5.23
CA ARG A 29 -1.11 -14.20 6.13
C ARG A 29 0.08 -14.68 5.31
N LEU A 30 1.29 -14.38 5.77
CA LEU A 30 2.49 -14.56 4.95
C LEU A 30 2.79 -16.01 4.58
N GLU A 31 2.65 -16.93 5.53
CA GLU A 31 2.95 -18.34 5.27
C GLU A 31 2.10 -18.89 4.13
N ASP A 32 0.88 -18.38 4.03
CA ASP A 32 -0.03 -18.77 2.95
C ASP A 32 0.40 -18.12 1.65
N LEU A 33 0.92 -16.90 1.74
CA LEU A 33 1.40 -16.18 0.56
C LEU A 33 2.65 -16.83 -0.02
N LEU A 34 3.41 -17.53 0.83
CA LEU A 34 4.67 -18.12 0.42
C LEU A 34 4.49 -19.52 -0.17
N ARG A 35 3.66 -20.34 0.48
CA ARG A 35 3.47 -21.73 0.05
C ARG A 35 2.83 -21.84 -1.34
N GLN A 36 2.19 -20.76 -1.77
CA GLN A 36 1.54 -20.75 -3.08
C GLN A 36 2.44 -20.19 -4.17
N ARG A 37 3.73 -20.04 -3.86
CA ARG A 37 4.69 -19.53 -4.83
C ARG A 37 5.02 -20.54 -5.91
N SER A 38 4.56 -21.78 -5.72
CA SER A 38 4.71 -22.83 -6.72
C SER A 38 3.38 -23.04 -7.44
N ASN A 39 2.54 -22.00 -7.43
CA ASN A 39 1.22 -22.05 -8.03
C ASN A 39 1.09 -20.96 -9.09
N ILE A 40 1.63 -21.23 -10.27
CA ILE A 40 1.78 -20.20 -11.30
C ILE A 40 0.71 -20.28 -12.39
N PHE A 41 0.42 -19.16 -13.04
CA PHE A 41 -0.48 -19.14 -14.18
C PHE A 41 0.18 -19.82 -15.37
N SER A 42 -0.54 -20.75 -15.99
CA SER A 42 -0.03 -21.45 -17.16
C SER A 42 0.06 -20.49 -18.33
N ARG A 43 0.83 -20.88 -19.35
CA ARG A 43 1.00 -20.07 -20.55
C ARG A 43 -0.36 -19.78 -21.20
N GLU A 44 -1.27 -20.75 -21.10
CA GLU A 44 -2.62 -20.59 -21.63
C GLU A 44 -3.41 -19.55 -20.84
N GLU A 45 -3.39 -19.67 -19.52
CA GLU A 45 -4.12 -18.77 -18.63
C GLU A 45 -3.71 -17.31 -18.83
N VAL A 46 -2.41 -17.07 -18.93
CA VAL A 46 -1.88 -15.72 -19.11
C VAL A 46 -2.46 -15.03 -20.33
N THR A 47 -2.50 -15.76 -21.45
CA THR A 47 -3.05 -15.23 -22.70
C THR A 47 -4.50 -14.83 -22.51
N GLY A 48 -5.23 -15.60 -21.71
CA GLY A 48 -6.62 -15.29 -21.42
C GLY A 48 -6.78 -13.94 -20.76
N TYR A 49 -5.81 -13.57 -19.92
CA TYR A 49 -5.85 -12.30 -19.23
C TYR A 49 -5.57 -11.13 -20.17
N GLN A 50 -4.55 -11.26 -21.01
CA GLN A 50 -4.13 -10.16 -21.87
C GLN A 50 -5.02 -9.96 -23.09
N ARG A 51 -5.95 -10.90 -23.32
CA ARG A 51 -6.92 -10.72 -24.39
C ARG A 51 -8.28 -10.33 -23.81
N LYS A 52 -8.32 -10.03 -22.52
CA LYS A 52 -9.50 -9.43 -21.91
C LYS A 52 -9.55 -7.98 -22.35
N SER A 53 -10.71 -7.34 -22.18
CA SER A 53 -10.88 -5.97 -22.61
C SER A 53 -10.36 -4.99 -21.56
N MET A 54 -9.87 -3.85 -22.02
CA MET A 54 -9.30 -2.83 -21.14
C MET A 54 -10.28 -2.40 -20.06
N TRP A 55 -11.56 -2.33 -20.41
CA TRP A 55 -12.58 -1.92 -19.46
C TRP A 55 -12.99 -3.04 -18.51
N GLU A 56 -12.49 -4.25 -18.77
CA GLU A 56 -12.66 -5.35 -17.82
C GLU A 56 -11.47 -5.39 -16.88
N MET A 57 -10.27 -5.40 -17.46
CA MET A 57 -9.05 -5.44 -16.66
C MET A 57 -8.90 -4.23 -15.74
N TRP A 58 -9.47 -3.10 -16.13
CA TRP A 58 -9.48 -1.94 -15.25
C TRP A 58 -10.51 -2.14 -14.15
N GLU A 59 -11.74 -2.51 -14.53
CA GLU A 59 -12.80 -2.77 -13.55
C GLU A 59 -12.41 -3.90 -12.62
N ARG A 60 -11.69 -4.89 -13.15
CA ARG A 60 -11.25 -6.02 -12.35
C ARG A 60 -10.25 -5.57 -11.30
N CYS A 61 -9.16 -4.96 -11.74
CA CYS A 61 -8.10 -4.52 -10.83
C CYS A 61 -8.57 -3.45 -9.85
N ALA A 62 -9.44 -2.56 -10.30
CA ALA A 62 -9.95 -1.48 -9.45
C ALA A 62 -10.75 -2.04 -8.28
N HIS A 63 -11.29 -3.23 -8.43
CA HIS A 63 -11.98 -3.91 -7.34
C HIS A 63 -10.98 -4.60 -6.43
N HIS A 64 -9.99 -5.26 -7.03
CA HIS A 64 -8.95 -5.92 -6.25
C HIS A 64 -8.12 -4.92 -5.47
N LEU A 65 -7.95 -3.73 -6.04
CA LEU A 65 -7.19 -2.67 -5.37
C LEU A 65 -7.97 -2.14 -4.18
N THR A 66 -9.25 -1.86 -4.40
CA THR A 66 -10.12 -1.35 -3.34
C THR A 66 -10.29 -2.39 -2.23
N GLU A 67 -10.11 -3.65 -2.58
CA GLU A 67 -10.12 -4.72 -1.58
C GLU A 67 -9.00 -4.51 -0.57
N ALA A 68 -7.79 -4.30 -1.08
CA ALA A 68 -6.63 -4.06 -0.23
C ALA A 68 -6.74 -2.74 0.51
N ILE A 69 -7.15 -1.70 -0.21
CA ILE A 69 -7.29 -0.36 0.36
C ILE A 69 -8.20 -0.35 1.59
N GLN A 70 -9.25 -1.17 1.56
CA GLN A 70 -10.15 -1.30 2.70
C GLN A 70 -9.41 -1.79 3.93
N TYR A 71 -8.50 -2.75 3.74
CA TYR A 71 -7.71 -3.27 4.85
C TYR A 71 -6.75 -2.21 5.39
N VAL A 72 -6.22 -1.40 4.49
CA VAL A 72 -5.32 -0.31 4.88
C VAL A 72 -6.04 0.70 5.77
N VAL A 73 -7.30 0.95 5.46
CA VAL A 73 -8.14 1.84 6.26
C VAL A 73 -8.31 1.29 7.68
N GLU A 74 -8.53 -0.02 7.76
CA GLU A 74 -8.63 -0.69 9.06
C GLU A 74 -7.33 -0.57 9.84
N PHE A 75 -6.21 -0.75 9.15
CA PHE A 75 -4.89 -0.59 9.74
C PHE A 75 -4.75 0.80 10.35
N ALA A 76 -5.20 1.81 9.59
CA ALA A 76 -5.15 3.18 10.05
C ALA A 76 -5.95 3.38 11.32
N LYS A 77 -7.18 2.86 11.32
CA LYS A 77 -8.08 3.00 12.46
C LYS A 77 -7.48 2.36 13.72
N ARG A 78 -6.83 1.21 13.55
CA ARG A 78 -6.24 0.49 14.66
C ARG A 78 -4.85 1.01 15.00
N LEU A 79 -4.32 1.87 14.13
CA LEU A 79 -3.01 2.45 14.36
C LEU A 79 -3.06 3.37 15.57
N SER A 80 -2.03 3.27 16.42
CA SER A 80 -1.98 4.03 17.66
C SER A 80 -1.92 5.54 17.42
N GLY A 81 -2.91 6.25 17.95
CA GLY A 81 -2.91 7.70 17.87
C GLY A 81 -3.24 8.27 16.50
N PHE A 82 -3.83 7.45 15.63
CA PHE A 82 -4.26 7.94 14.33
C PHE A 82 -5.62 8.61 14.45
N MET A 83 -6.53 7.96 15.16
CA MET A 83 -7.88 8.48 15.34
C MET A 83 -7.88 9.77 16.17
N GLU A 84 -6.87 9.91 17.02
CA GLU A 84 -6.75 11.08 17.87
C GLU A 84 -6.45 12.35 17.07
N LEU A 85 -6.03 12.16 15.82
CA LEU A 85 -5.81 13.27 14.91
C LEU A 85 -7.12 13.94 14.51
N CYS A 86 -7.03 15.12 13.91
CA CYS A 86 -8.20 15.83 13.41
C CYS A 86 -8.91 15.00 12.34
N GLN A 87 -10.23 15.14 12.25
CA GLN A 87 -11.01 14.40 11.26
C GLN A 87 -10.57 14.71 9.84
N ASN A 88 -10.28 15.99 9.57
CA ASN A 88 -9.78 16.40 8.27
C ASN A 88 -8.45 15.73 7.95
N ASP A 89 -7.46 15.95 8.81
CA ASP A 89 -6.13 15.36 8.66
C ASP A 89 -6.23 13.84 8.50
N GLN A 90 -7.14 13.24 9.26
CA GLN A 90 -7.38 11.80 9.23
C GLN A 90 -7.73 11.35 7.81
N ILE A 91 -8.50 12.17 7.10
CA ILE A 91 -8.87 11.89 5.71
C ILE A 91 -7.69 12.14 4.77
N VAL A 92 -7.02 13.27 4.96
CA VAL A 92 -5.92 13.68 4.07
C VAL A 92 -4.82 12.63 4.00
N LEU A 93 -4.44 12.12 5.16
CA LEU A 93 -3.39 11.10 5.25
C LEU A 93 -3.82 9.82 4.56
N LEU A 94 -5.03 9.37 4.86
CA LEU A 94 -5.56 8.14 4.26
C LEU A 94 -5.72 8.26 2.75
N LYS A 95 -6.33 9.35 2.29
CA LYS A 95 -6.58 9.54 0.87
C LYS A 95 -5.30 9.50 0.04
N ALA A 96 -4.33 10.31 0.41
CA ALA A 96 -3.08 10.41 -0.34
C ALA A 96 -2.12 9.27 -0.02
N GLY A 97 -2.37 8.56 1.08
CA GLY A 97 -1.42 7.58 1.56
C GLY A 97 -1.83 6.12 1.43
N ALA A 98 -3.13 5.85 1.32
CA ALA A 98 -3.61 4.48 1.23
C ALA A 98 -3.03 3.73 0.04
N MET A 99 -3.01 4.40 -1.11
CA MET A 99 -2.46 3.81 -2.32
C MET A 99 -0.97 3.52 -2.16
N GLU A 100 -0.28 4.40 -1.44
CA GLU A 100 1.14 4.24 -1.18
C GLU A 100 1.43 2.98 -0.37
N VAL A 101 0.63 2.75 0.68
CA VAL A 101 0.79 1.60 1.55
C VAL A 101 0.61 0.28 0.79
N VAL A 102 -0.43 0.20 -0.03
CA VAL A 102 -0.73 -1.00 -0.79
C VAL A 102 0.45 -1.39 -1.67
N LEU A 103 1.07 -0.41 -2.32
CA LEU A 103 2.23 -0.65 -3.16
C LEU A 103 3.39 -1.26 -2.37
N VAL A 104 3.48 -0.89 -1.10
CA VAL A 104 4.50 -1.43 -0.21
C VAL A 104 4.14 -2.85 0.20
N ARG A 105 2.87 -3.08 0.50
CA ARG A 105 2.39 -4.39 0.93
C ARG A 105 2.50 -5.44 -0.18
N MET A 106 2.56 -4.99 -1.42
CA MET A 106 2.62 -5.88 -2.57
C MET A 106 3.87 -6.74 -2.57
N CYS A 107 4.94 -6.22 -1.98
CA CYS A 107 6.24 -6.90 -1.99
C CYS A 107 6.17 -8.26 -1.28
N ARG A 108 5.13 -8.47 -0.50
CA ARG A 108 4.91 -9.74 0.17
C ARG A 108 4.25 -10.73 -0.78
N ALA A 109 3.45 -10.20 -1.70
CA ALA A 109 2.79 -11.03 -2.70
C ALA A 109 3.58 -11.05 -4.00
N TYR A 110 4.82 -10.57 -3.94
CA TYR A 110 5.70 -10.54 -5.11
C TYR A 110 6.92 -11.44 -4.90
N ASN A 111 7.00 -12.50 -5.68
CA ASN A 111 8.19 -13.35 -5.69
C ASN A 111 9.21 -12.78 -6.67
N ALA A 112 10.45 -12.60 -6.21
CA ALA A 112 11.46 -11.92 -7.01
C ALA A 112 12.29 -12.85 -7.87
N ASP A 113 12.22 -14.15 -7.58
CA ASP A 113 12.97 -15.13 -8.36
C ASP A 113 12.44 -15.21 -9.79
N ASN A 114 11.13 -15.01 -9.93
CA ASN A 114 10.47 -15.12 -11.23
C ASN A 114 9.77 -13.83 -11.65
N ARG A 115 9.87 -12.81 -10.80
CA ARG A 115 9.18 -11.54 -11.02
C ARG A 115 7.67 -11.73 -11.23
N THR A 116 7.03 -12.42 -10.29
CA THR A 116 5.60 -12.68 -10.39
C THR A 116 4.83 -12.16 -9.17
N VAL A 117 3.65 -11.61 -9.40
CA VAL A 117 2.80 -11.12 -8.32
C VAL A 117 1.62 -12.07 -8.11
N PHE A 118 1.18 -12.22 -6.87
CA PHE A 118 0.05 -13.10 -6.56
C PHE A 118 -1.27 -12.45 -6.94
N PHE A 119 -1.78 -12.76 -8.13
CA PHE A 119 -2.99 -12.14 -8.64
C PHE A 119 -4.09 -13.16 -8.92
N GLU A 120 -5.24 -12.97 -8.26
CA GLU A 120 -6.42 -13.81 -8.46
C GLU A 120 -6.17 -15.31 -8.29
N GLY A 121 -5.51 -15.70 -7.21
CA GLY A 121 -5.35 -17.10 -6.90
C GLY A 121 -4.00 -17.70 -7.25
N LYS A 122 -3.34 -17.13 -8.26
CA LYS A 122 -2.05 -17.64 -8.70
C LYS A 122 -1.03 -16.53 -8.90
N TYR A 123 0.23 -16.91 -9.09
CA TYR A 123 1.28 -15.93 -9.37
C TYR A 123 1.38 -15.67 -10.86
N GLY A 124 1.35 -14.40 -11.24
CA GLY A 124 1.42 -14.02 -12.64
C GLY A 124 2.46 -12.97 -12.90
N GLY A 125 2.95 -12.91 -14.14
CA GLY A 125 4.01 -11.99 -14.50
C GLY A 125 3.52 -10.58 -14.75
N MET A 126 4.44 -9.75 -15.24
CA MET A 126 4.16 -8.34 -15.52
C MET A 126 3.14 -8.18 -16.62
N GLU A 127 2.96 -9.21 -17.44
CA GLU A 127 2.20 -9.10 -18.68
C GLU A 127 0.78 -9.64 -18.63
N LEU A 128 0.24 -9.86 -17.43
CA LEU A 128 -1.19 -10.15 -17.30
C LEU A 128 -1.89 -8.83 -17.51
N PHE A 129 -1.20 -7.76 -17.12
CA PHE A 129 -1.75 -6.42 -17.10
C PHE A 129 -1.43 -5.67 -18.38
N ARG A 130 -1.14 -6.41 -19.44
CA ARG A 130 -0.90 -5.83 -20.76
C ARG A 130 -2.16 -5.13 -21.25
N ALA A 131 -3.31 -5.70 -20.93
CA ALA A 131 -4.59 -5.19 -21.42
C ALA A 131 -4.98 -3.85 -20.81
N LEU A 132 -4.15 -3.33 -19.90
CA LEU A 132 -4.46 -2.08 -19.24
C LEU A 132 -4.06 -0.86 -20.07
N GLY A 133 -3.08 -1.03 -20.94
CA GLY A 133 -2.63 0.06 -21.79
C GLY A 133 -1.60 0.95 -21.10
N CYS A 134 -1.51 0.80 -19.78
CA CYS A 134 -0.52 1.53 -19.01
C CYS A 134 0.56 0.55 -18.54
N SER A 135 1.19 -0.12 -19.50
CA SER A 135 2.12 -1.20 -19.20
C SER A 135 3.51 -0.70 -18.83
N GLU A 136 3.68 0.62 -18.81
CA GLU A 136 4.93 1.21 -18.33
C GLU A 136 4.84 1.39 -16.81
N LEU A 137 3.68 1.81 -16.35
CA LEU A 137 3.42 1.98 -14.92
C LEU A 137 3.50 0.65 -14.20
N ILE A 138 2.98 -0.40 -14.85
CA ILE A 138 3.04 -1.74 -14.32
C ILE A 138 4.49 -2.18 -14.09
N SER A 139 5.34 -1.91 -15.08
CA SER A 139 6.76 -2.23 -14.98
C SER A 139 7.41 -1.45 -13.86
N SER A 140 7.04 -0.18 -13.73
CA SER A 140 7.57 0.68 -12.68
C SER A 140 7.19 0.13 -11.31
N ILE A 141 5.99 -0.41 -11.23
CA ILE A 141 5.48 -1.00 -9.99
C ILE A 141 6.24 -2.29 -9.64
N PHE A 142 6.38 -3.17 -10.62
CA PHE A 142 7.11 -4.43 -10.42
C PHE A 142 8.56 -4.18 -10.03
N ASP A 143 9.17 -3.16 -10.64
CA ASP A 143 10.54 -2.78 -10.30
C ASP A 143 10.62 -2.30 -8.85
N PHE A 144 9.60 -1.57 -8.42
CA PHE A 144 9.55 -1.06 -7.05
C PHE A 144 9.48 -2.20 -6.06
N SER A 145 8.55 -3.11 -6.27
CA SER A 145 8.36 -4.24 -5.38
C SER A 145 9.55 -5.20 -5.41
N HIS A 146 10.37 -5.09 -6.45
CA HIS A 146 11.57 -5.91 -6.54
C HIS A 146 12.61 -5.39 -5.57
N SER A 147 12.83 -4.08 -5.60
CA SER A 147 13.78 -3.43 -4.69
C SER A 147 13.40 -3.68 -3.23
N LEU A 148 12.10 -3.61 -2.94
CA LEU A 148 11.60 -3.90 -1.60
C LEU A 148 11.84 -5.37 -1.23
N SER A 149 11.53 -6.27 -2.16
CA SER A 149 11.73 -7.69 -1.94
C SER A 149 13.21 -8.02 -1.76
N ALA A 150 14.07 -7.17 -2.30
CA ALA A 150 15.51 -7.37 -2.21
C ALA A 150 16.02 -7.09 -0.79
N LEU A 151 15.27 -6.27 -0.05
CA LEU A 151 15.68 -5.89 1.30
C LEU A 151 15.38 -6.96 2.34
N HIS A 152 14.51 -7.90 1.98
CA HIS A 152 14.09 -8.98 2.87
C HIS A 152 13.53 -8.43 4.18
N PHE A 153 12.45 -7.66 4.06
CA PHE A 153 11.78 -7.09 5.23
C PHE A 153 11.27 -8.17 6.17
N SER A 154 11.23 -7.87 7.46
CA SER A 154 10.51 -8.71 8.40
C SER A 154 9.07 -8.24 8.35
N GLU A 155 8.16 -8.98 8.99
CA GLU A 155 6.77 -8.55 9.03
C GLU A 155 6.61 -7.37 9.98
N ASP A 156 7.54 -7.26 10.94
CA ASP A 156 7.55 -6.14 11.86
C ASP A 156 8.00 -4.88 11.13
N GLU A 157 8.99 -5.02 10.26
CA GLU A 157 9.52 -3.88 9.53
C GLU A 157 8.54 -3.37 8.48
N ILE A 158 7.76 -4.28 7.91
CA ILE A 158 6.66 -3.88 7.02
C ILE A 158 5.65 -3.07 7.83
N ALA A 159 5.31 -3.58 9.01
CA ALA A 159 4.36 -2.94 9.90
C ALA A 159 4.75 -1.50 10.23
N LEU A 160 6.03 -1.30 10.51
CA LEU A 160 6.53 0.01 10.93
C LEU A 160 6.76 0.94 9.74
N TYR A 161 7.25 0.38 8.64
CA TYR A 161 7.48 1.16 7.43
C TYR A 161 6.16 1.73 6.91
N THR A 162 5.18 0.85 6.71
CA THR A 162 3.87 1.26 6.21
C THR A 162 3.22 2.29 7.13
N ALA A 163 3.48 2.16 8.42
CA ALA A 163 2.96 3.11 9.40
C ALA A 163 3.48 4.52 9.10
N LEU A 164 4.78 4.60 8.82
CA LEU A 164 5.42 5.88 8.52
C LEU A 164 4.99 6.40 7.15
N VAL A 165 4.70 5.49 6.23
CA VAL A 165 4.22 5.85 4.91
C VAL A 165 2.90 6.61 5.02
N LEU A 166 2.02 6.12 5.89
CA LEU A 166 0.73 6.74 6.12
C LEU A 166 0.87 8.06 6.88
N ILE A 167 1.52 7.99 8.04
CA ILE A 167 1.73 9.18 8.86
C ILE A 167 2.82 10.07 8.25
N ASN A 168 2.40 11.04 7.45
CA ASN A 168 3.33 11.93 6.77
C ASN A 168 2.87 13.38 6.90
N ALA A 169 3.62 14.18 7.67
CA ALA A 169 3.25 15.57 7.90
C ALA A 169 3.61 16.46 6.72
N HIS A 170 4.30 15.89 5.74
CA HIS A 170 4.63 16.62 4.52
C HIS A 170 3.51 16.57 3.50
N ARG A 171 2.37 16.00 3.89
CA ARG A 171 1.20 15.96 3.01
C ARG A 171 0.42 17.26 3.13
N PRO A 172 0.11 17.88 1.97
CA PRO A 172 -0.61 19.15 1.92
C PRO A 172 -2.07 18.99 2.33
N GLY A 173 -2.66 20.04 2.88
CA GLY A 173 -4.05 20.01 3.29
C GLY A 173 -4.23 19.65 4.76
N LEU A 174 -3.12 19.53 5.48
CA LEU A 174 -3.18 19.19 6.89
C LEU A 174 -3.51 20.40 7.75
N GLN A 175 -4.55 20.28 8.58
CA GLN A 175 -4.92 21.34 9.50
C GLN A 175 -3.97 21.35 10.70
N GLU A 176 -4.07 20.31 11.53
CA GLU A 176 -3.17 20.15 12.66
C GLU A 176 -1.89 19.45 12.21
N LYS A 177 -1.06 20.15 11.43
CA LYS A 177 0.17 19.58 10.90
C LYS A 177 1.15 19.23 12.02
N ARG A 178 1.30 20.14 12.98
CA ARG A 178 2.21 19.95 14.11
C ARG A 178 1.85 18.69 14.89
N LYS A 179 0.56 18.36 14.90
CA LYS A 179 0.07 17.17 15.58
C LYS A 179 0.59 15.91 14.87
N VAL A 180 0.63 15.96 13.54
CA VAL A 180 1.11 14.83 12.75
C VAL A 180 2.62 14.66 12.89
N GLU A 181 3.33 15.79 12.89
CA GLU A 181 4.79 15.79 13.03
C GLU A 181 5.21 15.05 14.29
N GLN A 182 4.50 15.29 15.39
CA GLN A 182 4.80 14.66 16.66
C GLN A 182 4.54 13.15 16.59
N LEU A 183 3.39 12.76 16.04
CA LEU A 183 3.07 11.34 15.87
C LEU A 183 4.06 10.66 14.94
N GLN A 184 4.41 11.34 13.85
CA GLN A 184 5.36 10.81 12.88
C GLN A 184 6.70 10.54 13.53
N TYR A 185 7.15 11.46 14.40
CA TYR A 185 8.45 11.33 15.03
C TYR A 185 8.54 10.13 15.96
N ASN A 186 7.52 9.96 16.80
CA ASN A 186 7.47 8.83 17.72
C ASN A 186 7.52 7.51 16.97
N LEU A 187 6.90 7.50 15.80
CA LEU A 187 6.90 6.32 14.94
C LEU A 187 8.27 6.14 14.27
N GLU A 188 8.92 7.24 13.96
CA GLU A 188 10.27 7.20 13.42
C GLU A 188 11.22 6.66 14.48
N LEU A 189 11.06 7.13 15.71
CA LEU A 189 11.87 6.68 16.83
C LEU A 189 11.66 5.18 17.07
N ALA A 190 10.40 4.78 17.06
CA ALA A 190 10.04 3.38 17.30
C ALA A 190 10.60 2.47 16.23
N PHE A 191 10.51 2.91 14.98
CA PHE A 191 11.05 2.15 13.86
C PHE A 191 12.56 1.98 14.02
N HIS A 192 13.24 3.09 14.27
CA HIS A 192 14.69 3.10 14.38
C HIS A 192 15.16 2.27 15.57
N HIS A 193 14.42 2.33 16.67
CA HIS A 193 14.75 1.55 17.86
C HIS A 193 14.67 0.05 17.58
N HIS A 194 13.62 -0.36 16.86
CA HIS A 194 13.40 -1.77 16.57
C HIS A 194 14.45 -2.30 15.61
N LEU A 195 14.89 -1.45 14.69
CA LEU A 195 15.92 -1.84 13.73
C LEU A 195 17.25 -2.08 14.42
N CYS A 196 17.55 -1.27 15.42
CA CYS A 196 18.79 -1.41 16.19
C CYS A 196 18.69 -2.58 17.15
N LYS A 197 17.48 -2.86 17.63
CA LYS A 197 17.23 -4.00 18.49
C LYS A 197 17.51 -5.28 17.71
N THR A 198 17.39 -5.19 16.40
CA THR A 198 17.51 -6.36 15.53
C THR A 198 18.68 -6.28 14.54
N HIS A 199 19.58 -5.32 14.75
CA HIS A 199 20.75 -5.11 13.88
C HIS A 199 20.35 -4.87 12.42
N ARG A 200 19.19 -4.26 12.22
CA ARG A 200 18.65 -4.07 10.87
C ARG A 200 18.69 -2.60 10.46
N GLN A 201 19.45 -1.81 11.21
CA GLN A 201 19.63 -0.39 10.96
C GLN A 201 20.15 -0.09 9.54
N SER A 202 20.80 -1.07 8.95
CA SER A 202 21.42 -0.92 7.63
C SER A 202 20.42 -0.55 6.54
N ILE A 203 19.16 -0.95 6.73
CA ILE A 203 18.15 -0.78 5.68
C ILE A 203 17.59 0.62 5.57
N LEU A 204 17.84 1.45 6.59
CA LEU A 204 17.33 2.83 6.59
C LEU A 204 17.81 3.60 5.36
N ALA A 205 19.06 3.41 4.99
CA ALA A 205 19.62 4.05 3.81
C ALA A 205 19.17 3.32 2.54
N LYS A 206 18.86 2.04 2.68
CA LYS A 206 18.46 1.23 1.53
C LYS A 206 17.03 1.51 1.09
N LEU A 207 16.26 2.15 1.96
CA LEU A 207 14.86 2.46 1.68
C LEU A 207 14.71 3.38 0.47
N PRO A 208 13.64 3.18 -0.33
CA PRO A 208 13.39 4.01 -1.51
C PRO A 208 12.95 5.41 -1.12
N PRO A 209 13.33 6.42 -1.93
CA PRO A 209 13.03 7.83 -1.67
C PRO A 209 11.54 8.10 -1.52
N LYS A 210 11.19 9.19 -0.84
CA LYS A 210 9.80 9.54 -0.59
C LYS A 210 9.07 9.85 -1.88
N GLY A 211 9.83 10.24 -2.91
CA GLY A 211 9.25 10.61 -4.19
C GLY A 211 8.98 9.44 -5.12
N LYS A 212 9.57 8.29 -4.80
CA LYS A 212 9.40 7.10 -5.63
C LYS A 212 7.93 6.66 -5.63
N LEU A 213 7.29 6.76 -4.47
CA LEU A 213 5.88 6.41 -4.35
C LEU A 213 5.00 7.59 -4.75
N ARG A 214 5.55 8.80 -4.65
CA ARG A 214 4.87 9.98 -5.16
C ARG A 214 4.69 9.84 -6.66
N SER A 215 5.73 9.31 -7.31
CA SER A 215 5.69 9.05 -8.74
C SER A 215 4.63 8.02 -9.08
N LEU A 216 4.73 6.84 -8.47
CA LEU A 216 3.85 5.72 -8.77
C LEU A 216 2.37 6.03 -8.56
N CYS A 217 2.02 6.55 -7.39
CA CYS A 217 0.63 6.84 -7.06
C CYS A 217 0.00 7.88 -7.99
N SER A 218 0.79 8.88 -8.36
CA SER A 218 0.31 9.91 -9.27
C SER A 218 0.30 9.40 -10.70
N GLN A 219 1.26 8.53 -11.03
CA GLN A 219 1.33 7.92 -12.34
C GLN A 219 0.11 7.04 -12.55
N HIS A 220 -0.41 6.49 -11.46
CA HIS A 220 -1.63 5.69 -11.51
C HIS A 220 -2.86 6.55 -11.78
N VAL A 221 -3.00 7.63 -11.02
CA VAL A 221 -4.16 8.50 -11.16
C VAL A 221 -4.13 9.24 -12.50
N GLU A 222 -2.95 9.28 -13.11
CA GLU A 222 -2.76 9.90 -14.42
C GLU A 222 -3.35 9.01 -15.51
N ARG A 223 -3.04 7.72 -15.44
CA ARG A 223 -3.53 6.77 -16.42
C ARG A 223 -5.01 6.48 -16.20
N LEU A 224 -5.49 6.77 -15.00
CA LEU A 224 -6.91 6.60 -14.69
C LEU A 224 -7.74 7.65 -15.40
N GLN A 225 -7.28 8.90 -15.35
CA GLN A 225 -7.99 10.02 -15.97
C GLN A 225 -8.13 9.80 -17.48
N ILE A 226 -7.17 9.08 -18.04
CA ILE A 226 -7.26 8.64 -19.43
C ILE A 226 -8.43 7.68 -19.59
N PHE A 227 -8.46 6.67 -18.75
CA PHE A 227 -9.52 5.67 -18.80
C PHE A 227 -10.87 6.26 -18.39
N GLN A 228 -10.84 7.19 -17.43
CA GLN A 228 -12.06 7.86 -16.97
C GLN A 228 -12.62 8.76 -18.07
N HIS A 229 -11.85 8.95 -19.13
CA HIS A 229 -12.30 9.73 -20.28
C HIS A 229 -12.64 8.83 -21.46
N LEU A 230 -11.90 7.75 -21.62
CA LEU A 230 -12.19 6.78 -22.68
C LEU A 230 -13.48 6.04 -22.37
N HIS A 231 -13.59 5.56 -21.13
CA HIS A 231 -14.78 4.85 -20.69
C HIS A 231 -15.38 5.51 -19.45
N PRO A 232 -15.89 6.75 -19.61
CA PRO A 232 -16.36 7.51 -18.45
C PRO A 232 -17.58 6.86 -17.80
N ILE A 233 -18.41 6.23 -18.63
CA ILE A 233 -19.63 5.61 -18.16
C ILE A 233 -19.34 4.30 -17.42
N VAL A 234 -18.20 3.68 -17.74
CA VAL A 234 -17.81 2.44 -17.09
C VAL A 234 -17.37 2.70 -15.65
N VAL A 235 -16.52 3.69 -15.45
CA VAL A 235 -16.02 4.01 -14.12
C VAL A 235 -17.14 4.58 -13.24
N GLN A 236 -18.16 5.15 -13.87
CA GLN A 236 -19.26 5.76 -13.15
C GLN A 236 -20.22 4.69 -12.63
N ALA A 237 -20.32 3.59 -13.37
CA ALA A 237 -21.31 2.57 -13.06
C ALA A 237 -20.74 1.33 -12.38
N ALA A 238 -19.47 1.02 -12.65
CA ALA A 238 -18.89 -0.23 -12.19
C ALA A 238 -17.85 -0.05 -11.08
N PHE A 239 -16.90 0.86 -11.29
CA PHE A 239 -15.81 1.09 -10.34
C PHE A 239 -16.33 1.35 -8.94
N PRO A 240 -15.76 0.66 -7.94
CA PRO A 240 -16.18 0.79 -6.54
C PRO A 240 -16.07 2.24 -6.06
N PRO A 241 -17.07 2.70 -5.30
CA PRO A 241 -17.19 4.10 -4.88
C PRO A 241 -15.97 4.60 -4.13
N LEU A 242 -15.41 3.76 -3.26
CA LEU A 242 -14.24 4.13 -2.48
C LEU A 242 -13.06 4.45 -3.38
N TYR A 243 -12.94 3.70 -4.48
CA TYR A 243 -11.90 3.95 -5.47
C TYR A 243 -12.15 5.31 -6.12
N LYS A 244 -13.39 5.53 -6.55
CA LYS A 244 -13.77 6.78 -7.21
C LYS A 244 -13.51 7.98 -6.29
N GLU A 245 -13.79 7.80 -5.01
CA GLU A 245 -13.64 8.86 -4.02
C GLU A 245 -12.18 9.25 -3.84
N LEU A 246 -11.30 8.26 -3.86
CA LEU A 246 -9.88 8.48 -3.60
C LEU A 246 -9.12 9.01 -4.81
N PHE A 247 -9.55 8.59 -6.00
CA PHE A 247 -8.80 8.90 -7.21
C PHE A 247 -9.55 9.78 -8.21
N SER A 248 -10.65 10.36 -7.75
CA SER A 248 -11.49 11.32 -8.49
C SER A 248 -11.28 11.42 -10.00
N THR B 1 -17.24 10.92 1.78
CA THR B 1 -18.28 10.55 2.73
C THR B 1 -18.23 9.05 3.05
N LEU B 2 -18.03 8.23 2.02
CA LEU B 2 -17.86 6.79 2.23
C LEU B 2 -16.62 6.54 3.08
N LEU B 3 -15.57 7.31 2.82
CA LEU B 3 -14.36 7.24 3.63
C LEU B 3 -14.65 7.78 5.02
N GLN B 4 -15.47 8.83 5.08
CA GLN B 4 -15.91 9.39 6.35
C GLN B 4 -16.76 8.38 7.11
N LEU B 5 -17.54 7.60 6.36
CA LEU B 5 -18.38 6.57 6.96
C LEU B 5 -17.53 5.45 7.54
N LEU B 6 -16.50 5.05 6.79
CA LEU B 6 -15.61 3.97 7.21
C LEU B 6 -14.90 4.28 8.52
N LEU B 7 -14.70 5.58 8.78
CA LEU B 7 -14.06 6.00 10.02
C LEU B 7 -15.08 6.28 11.11
N GLY B 8 -15.98 7.23 10.84
CA GLY B 8 -17.04 7.55 11.78
C GLY B 8 -17.24 9.05 11.93
N HIS B 9 -17.27 9.75 10.80
CA HIS B 9 -17.38 11.21 10.81
C HIS B 9 -18.79 11.66 10.44
O3 4D8 C . -2.67 -8.18 -0.15
OC1 4D8 C . -5.66 -7.74 -2.62
OC2 4D8 C . -5.06 -9.53 -1.51
C13 4D8 C . -2.16 -4.87 -7.91
C14 4D8 C . -3.46 -5.12 -7.16
C10 4D8 C . -1.89 -6.90 -4.18
C17 4D8 C . -2.62 -3.95 -9.05
C5 4D8 C . -3.21 -7.58 -3.83
C8 4D8 C . -3.24 -6.19 -6.14
C9 4D8 C . -2.23 -5.95 -5.29
C12 4D8 C . -1.16 -4.29 -6.92
C15 4D8 C . -4.50 -5.36 -8.24
C16 4D8 C . -4.06 -4.39 -9.35
C11 4D8 C . -1.39 -4.70 -5.46
C4 4D8 C . -3.27 -8.33 -2.49
C6 4D8 C . -3.66 -8.41 -5.03
C7 4D8 C . -4.11 -7.42 -6.11
C1 4D8 C . -1.30 -6.14 -2.99
C20 4D8 C . -1.76 -3.94 -10.31
C18 4D8 C . -1.65 -6.18 -8.51
C3 4D8 C . -2.71 -7.45 -1.37
C2 4D8 C . -1.30 -6.97 -1.72
C19 4D8 C . -0.84 -7.86 -4.75
C4B 4D8 C . -2.58 -9.69 -2.50
C22 4D8 C . -2.42 -3.09 -11.38
C4A 4D8 C . -4.73 -8.57 -2.18
C21 4D8 C . -0.34 -3.40 -10.12
C23 4D8 C . -2.56 -1.65 -10.88
C24 4D8 C . -3.08 -0.77 -12.00
C25 4D8 C . -4.26 -0.15 -11.86
C26 4D8 C . -5.07 -0.32 -10.62
C27 4D8 C . -4.77 0.72 -12.97
#